data_5DI3
#
_entry.id   5DI3
#
_cell.length_a   57.100
_cell.length_b   68.800
_cell.length_c   120.000
_cell.angle_alpha   90.000
_cell.angle_beta   90.000
_cell.angle_gamma   90.000
#
_symmetry.space_group_name_H-M   'P 21 21 21'
#
loop_
_entity.id
_entity.type
_entity.pdbx_description
1 polymer 'ADP-ribosylation factor-like protein 13B'
2 polymer 'ADP-ribosylation factor-like protein 3'
3 non-polymer 'PHOSPHOAMINOPHOSPHONIC ACID-GUANYLATE ESTER'
4 non-polymer 'MAGNESIUM ION'
5 water water
#
loop_
_entity_poly.entity_id
_entity_poly.type
_entity_poly.pdbx_seq_one_letter_code
_entity_poly.pdbx_strand_id
1 'polypeptide(L)'
;GPRKITIALLGLDNAGKTTLLNSIQGEVDRDTTPTFGFNSTTLNEGKYKIEVFDLGGGKNIRGVWKKYLAEVHAIVYVVD
AADPGRFEESKMTMAEVLENQFMRDKPICIFANKQDLPTAAPAAEVVKGLGLATCRNSHNVFPCTAKMPAGQDVDHRLRD
GLKWLVGTVDREFGRLDPRVQTEAEEVRQEEARKKKEREERLRKQREERLRQQKEEEERAREVEKENELHDGKAPSLLAA
GGGVVGAAAAGVNGVMVDEQQEL
;
B
2 'polypeptide(L)'
;MGLLSLIRGLKKKEGEARILVLGLDNAGKTTILKALSEEDITTITPTQGFNIKSLSRDGFNLKIWDIGGQKSIRPYWRNY
FDQTDALIYVIDSADSKRLSESEFELTELLQEEKMTGVPLLVFANKQDLVGALAADEIASTLDLTSIRDRPWQIQACSAK
QGTGLKEGMEWMMKQVKLEHHHHHH
;
A
#
# COMPACT_ATOMS: atom_id res chain seq x y z
N PRO A 2 26.47 8.69 -4.80
CA PRO A 2 25.69 7.45 -4.79
C PRO A 2 24.36 7.60 -5.55
N ARG A 3 24.18 6.80 -6.58
CA ARG A 3 22.97 6.90 -7.38
C ARG A 3 21.76 6.36 -6.65
N LYS A 4 20.63 7.01 -6.87
CA LYS A 4 19.36 6.51 -6.39
C LYS A 4 18.61 5.89 -7.55
N ILE A 5 18.12 4.67 -7.35
CA ILE A 5 17.19 4.07 -8.31
C ILE A 5 15.92 3.65 -7.58
N THR A 6 14.82 3.54 -8.33
CA THR A 6 13.55 3.19 -7.72
C THR A 6 13.03 1.88 -8.30
N ILE A 7 12.55 1.02 -7.41
CA ILE A 7 12.16 -0.35 -7.73
C ILE A 7 10.74 -0.59 -7.23
N ALA A 8 9.96 -1.35 -7.97
CA ALA A 8 8.63 -1.75 -7.51
C ALA A 8 8.54 -3.25 -7.28
N LEU A 9 8.00 -3.62 -6.11
CA LEU A 9 7.64 -5.00 -5.83
C LEU A 9 6.27 -5.31 -6.41
N LEU A 10 6.21 -6.14 -7.43
CA LEU A 10 4.91 -6.56 -7.96
C LEU A 10 4.77 -8.06 -7.91
N GLY A 11 3.66 -8.58 -8.43
CA GLY A 11 3.35 -9.99 -8.35
C GLY A 11 2.04 -10.18 -7.60
N LEU A 12 1.35 -11.29 -7.87
CA LEU A 12 0.05 -11.54 -7.25
C LEU A 12 0.16 -11.56 -5.74
N ASP A 13 -0.98 -11.34 -5.08
CA ASP A 13 -1.07 -11.50 -3.63
C ASP A 13 -0.64 -12.92 -3.23
N ASN A 14 -0.09 -13.04 -2.02
CA ASN A 14 0.36 -14.32 -1.47
C ASN A 14 1.65 -14.86 -2.12
N ALA A 15 2.20 -14.12 -3.09
CA ALA A 15 3.47 -14.52 -3.71
C ALA A 15 4.62 -14.40 -2.71
N GLY A 16 4.57 -13.39 -1.84
CA GLY A 16 5.56 -13.24 -0.78
C GLY A 16 6.42 -11.98 -0.89
N LYS A 17 5.86 -10.94 -1.50
CA LYS A 17 6.60 -9.69 -1.73
C LYS A 17 7.08 -9.04 -0.43
N THR A 18 6.16 -8.83 0.52
CA THR A 18 6.50 -8.14 1.77
C THR A 18 7.49 -8.94 2.59
N THR A 19 7.26 -10.26 2.67
CA THR A 19 8.11 -11.15 3.44
C THR A 19 9.53 -11.14 2.90
N LEU A 20 9.65 -11.16 1.58
CA LEU A 20 10.94 -11.11 0.91
C LEU A 20 11.62 -9.78 1.23
N LEU A 21 10.84 -8.70 1.23
CA LEU A 21 11.36 -7.38 1.59
C LEU A 21 11.90 -7.35 3.03
N ASN A 22 11.20 -8.00 3.95
CA ASN A 22 11.67 -8.08 5.33
C ASN A 22 12.96 -8.86 5.42
N SER A 23 12.95 -10.07 4.85
CA SER A 23 14.11 -10.97 4.88
C SER A 23 15.37 -10.33 4.32
N ILE A 24 15.26 -9.66 3.18
CA ILE A 24 16.42 -9.09 2.51
C ILE A 24 17.05 -7.97 3.33
N GLN A 25 16.34 -7.50 4.36
CA GLN A 25 16.88 -6.53 5.31
C GLN A 25 17.34 -7.20 6.60
N GLY A 26 17.10 -8.49 6.72
CA GLY A 26 17.51 -9.23 7.90
C GLY A 26 16.47 -9.21 9.00
N GLU A 27 15.36 -8.53 8.76
CA GLU A 27 14.24 -8.52 9.69
C GLU A 27 13.51 -9.85 9.63
N VAL A 28 13.97 -10.80 10.44
CA VAL A 28 13.54 -12.19 10.30
C VAL A 28 12.20 -12.53 10.95
N ASP A 29 12.01 -12.13 12.20
CA ASP A 29 10.86 -12.60 12.97
C ASP A 29 9.60 -11.76 12.81
N ARG A 30 9.51 -11.00 11.73
CA ARG A 30 8.27 -10.29 11.42
C ARG A 30 7.32 -11.22 10.68
N ASP A 31 6.04 -11.15 11.01
CA ASP A 31 5.05 -11.82 10.17
C ASP A 31 4.24 -10.78 9.43
N THR A 32 3.43 -11.22 8.49
CA THR A 32 2.88 -10.30 7.48
C THR A 32 1.38 -10.43 7.30
N THR A 33 0.75 -9.29 6.97
CA THR A 33 -0.65 -9.24 6.61
C THR A 33 -0.71 -8.78 5.16
N PRO A 34 -1.81 -9.06 4.46
CA PRO A 34 -1.95 -8.59 3.07
C PRO A 34 -1.69 -7.09 2.94
N THR A 35 -1.14 -6.66 1.80
CA THR A 35 -0.87 -5.24 1.56
C THR A 35 -1.95 -4.65 0.67
N PHE A 36 -2.55 -3.55 1.12
CA PHE A 36 -3.53 -2.82 0.33
C PHE A 36 -3.19 -1.34 0.30
N GLY A 37 -2.03 -1.01 -0.26
CA GLY A 37 -1.58 0.36 -0.30
C GLY A 37 -0.13 0.52 -0.71
N PHE A 38 0.56 1.42 -0.02
CA PHE A 38 1.90 1.81 -0.39
C PHE A 38 2.83 1.75 0.82
N ASN A 39 4.11 1.43 0.57
CA ASN A 39 5.09 1.31 1.63
C ASN A 39 6.50 1.42 1.09
N SER A 40 7.19 2.52 1.39
CA SER A 40 8.53 2.75 0.86
C SER A 40 9.59 2.19 1.80
N THR A 41 10.70 1.74 1.23
CA THR A 41 11.80 1.16 2.00
C THR A 41 13.11 1.38 1.26
N THR A 42 14.14 1.79 1.97
CA THR A 42 15.43 2.06 1.34
C THR A 42 16.46 0.99 1.68
N LEU A 43 17.06 0.44 0.62
CA LEU A 43 18.13 -0.56 0.75
C LEU A 43 19.41 0.01 0.17
N ASN A 44 20.53 -0.68 0.40
CA ASN A 44 21.78 -0.34 -0.27
C ASN A 44 22.47 -1.55 -0.86
N GLU A 45 22.87 -1.44 -2.12
CA GLU A 45 23.62 -2.51 -2.78
C GLU A 45 24.70 -1.93 -3.65
N GLY A 46 25.95 -2.22 -3.30
CA GLY A 46 27.07 -1.67 -4.02
C GLY A 46 27.11 -0.17 -3.88
N LYS A 47 27.15 0.53 -5.00
CA LYS A 47 27.22 1.99 -4.99
C LYS A 47 25.84 2.60 -5.22
N TYR A 48 24.80 1.77 -5.10
CA TYR A 48 23.44 2.23 -5.36
C TYR A 48 22.60 2.31 -4.10
N LYS A 49 21.74 3.33 -4.04
CA LYS A 49 20.75 3.43 -3.00
C LYS A 49 19.39 3.15 -3.62
N ILE A 50 18.70 2.14 -3.09
CA ILE A 50 17.49 1.64 -3.73
C ILE A 50 16.24 1.92 -2.89
N GLU A 51 15.31 2.65 -3.46
CA GLU A 51 14.02 2.87 -2.85
C GLU A 51 13.07 1.81 -3.36
N VAL A 52 12.38 1.13 -2.45
CA VAL A 52 11.55 0.00 -2.82
C VAL A 52 10.08 0.21 -2.47
N PHE A 53 9.26 0.39 -3.49
CA PHE A 53 7.82 0.48 -3.30
C PHE A 53 7.25 -0.92 -3.10
N ASP A 54 6.74 -1.19 -1.91
CA ASP A 54 6.05 -2.46 -1.64
C ASP A 54 4.55 -2.26 -1.81
N LEU A 55 3.99 -2.92 -2.82
CA LEU A 55 2.59 -2.73 -3.16
C LEU A 55 1.80 -4.03 -3.01
N GLY A 56 0.47 -3.90 -2.95
CA GLY A 56 -0.39 -5.06 -2.88
C GLY A 56 -0.66 -5.61 -4.27
N GLY A 57 -0.94 -6.91 -4.33
CA GLY A 57 -1.20 -7.56 -5.59
C GLY A 57 -2.55 -8.22 -5.67
N GLY A 58 -3.40 -7.95 -4.67
CA GLY A 58 -4.75 -8.48 -4.67
C GLY A 58 -5.54 -7.87 -5.83
N LYS A 59 -6.55 -8.60 -6.29
CA LYS A 59 -7.39 -8.16 -7.40
C LYS A 59 -7.91 -6.74 -7.22
N ASN A 60 -8.27 -6.40 -6.00
CA ASN A 60 -8.93 -5.13 -5.72
C ASN A 60 -7.96 -3.97 -5.46
N ILE A 61 -6.67 -4.22 -5.63
CA ILE A 61 -5.68 -3.15 -5.42
C ILE A 61 -4.61 -3.15 -6.50
N ARG A 62 -4.45 -4.26 -7.21
CA ARG A 62 -3.34 -4.38 -8.16
C ARG A 62 -3.45 -3.44 -9.36
N GLY A 63 -4.63 -2.89 -9.60
CA GLY A 63 -4.82 -1.94 -10.67
C GLY A 63 -4.18 -0.60 -10.35
N VAL A 64 -3.64 -0.49 -9.14
CA VAL A 64 -2.97 0.72 -8.70
C VAL A 64 -1.52 0.78 -9.21
N TRP A 65 -0.95 -0.38 -9.51
CA TRP A 65 0.45 -0.47 -9.96
C TRP A 65 0.80 0.55 -11.05
N LYS A 66 -0.07 0.64 -12.06
CA LYS A 66 0.13 1.54 -13.20
C LYS A 66 0.47 2.97 -12.75
N LYS A 67 -0.05 3.37 -11.60
CA LYS A 67 0.16 4.72 -11.08
C LYS A 67 1.61 5.01 -10.72
N TYR A 68 2.43 3.96 -10.62
CA TYR A 68 3.80 4.12 -10.13
C TYR A 68 4.87 3.87 -11.19
N LEU A 69 4.51 3.19 -12.27
CA LEU A 69 5.51 2.63 -13.19
C LEU A 69 6.44 3.66 -13.82
N ALA A 70 5.98 4.90 -13.94
CA ALA A 70 6.79 5.94 -14.57
C ALA A 70 7.97 6.34 -13.69
N GLU A 71 7.90 6.01 -12.40
CA GLU A 71 8.92 6.42 -11.45
C GLU A 71 9.98 5.36 -11.20
N VAL A 72 9.89 4.23 -11.90
CA VAL A 72 10.75 3.09 -11.58
C VAL A 72 11.81 2.78 -12.65
N HIS A 73 12.94 2.24 -12.19
CA HIS A 73 14.00 1.82 -13.09
C HIS A 73 13.86 0.34 -13.40
N ALA A 74 13.18 -0.38 -12.52
CA ALA A 74 13.12 -1.83 -12.61
C ALA A 74 12.01 -2.42 -11.74
N ILE A 75 11.70 -3.68 -11.97
CA ILE A 75 10.68 -4.39 -11.23
C ILE A 75 11.26 -5.64 -10.57
N VAL A 76 10.90 -5.89 -9.31
CA VAL A 76 11.06 -7.21 -8.75
C VAL A 76 9.69 -7.88 -8.79
N TYR A 77 9.56 -8.90 -9.63
CA TYR A 77 8.29 -9.60 -9.77
C TYR A 77 8.35 -10.93 -9.04
N VAL A 78 7.47 -11.11 -8.05
CA VAL A 78 7.52 -12.28 -7.20
C VAL A 78 6.40 -13.25 -7.58
N VAL A 79 6.75 -14.53 -7.66
CA VAL A 79 5.79 -15.58 -7.97
C VAL A 79 5.84 -16.65 -6.89
N ASP A 80 4.68 -17.12 -6.45
CA ASP A 80 4.64 -18.31 -5.62
C ASP A 80 4.89 -19.52 -6.51
N ALA A 81 6.14 -19.99 -6.53
CA ALA A 81 6.52 -21.11 -7.38
C ALA A 81 5.84 -22.40 -6.94
N ALA A 82 5.30 -22.40 -5.73
CA ALA A 82 4.66 -23.58 -5.17
C ALA A 82 3.15 -23.59 -5.46
N ASP A 83 2.68 -22.58 -6.18
CA ASP A 83 1.26 -22.50 -6.55
C ASP A 83 1.10 -22.36 -8.06
N PRO A 84 1.45 -23.42 -8.82
CA PRO A 84 1.35 -23.40 -10.28
C PRO A 84 -0.06 -23.13 -10.80
N GLY A 85 -1.07 -23.35 -9.95
CA GLY A 85 -2.44 -23.05 -10.31
C GLY A 85 -2.67 -21.59 -10.63
N ARG A 86 -1.71 -20.74 -10.27
CA ARG A 86 -1.85 -19.30 -10.46
C ARG A 86 -0.87 -18.73 -11.50
N PHE A 87 0.00 -19.58 -12.05
CA PHE A 87 0.99 -19.15 -13.04
C PHE A 87 0.36 -18.37 -14.18
N GLU A 88 -0.82 -18.80 -14.60
CA GLU A 88 -1.50 -18.18 -15.74
C GLU A 88 -1.97 -16.77 -15.39
N GLU A 89 -2.54 -16.62 -14.19
CA GLU A 89 -2.97 -15.33 -13.71
C GLU A 89 -1.78 -14.39 -13.60
N SER A 90 -0.70 -14.90 -13.01
CA SER A 90 0.51 -14.10 -12.86
C SER A 90 1.06 -13.69 -14.22
N LYS A 91 1.00 -14.61 -15.18
CA LYS A 91 1.45 -14.37 -16.54
C LYS A 91 0.70 -13.22 -17.20
N MET A 92 -0.63 -13.28 -17.17
CA MET A 92 -1.44 -12.17 -17.66
C MET A 92 -1.06 -10.87 -16.96
N THR A 93 -1.07 -10.92 -15.64
CA THR A 93 -0.77 -9.76 -14.81
C THR A 93 0.61 -9.17 -15.15
N MET A 94 1.62 -10.03 -15.28
CA MET A 94 2.96 -9.55 -15.63
C MET A 94 3.02 -9.00 -17.06
N ALA A 95 2.33 -9.67 -17.97
CA ALA A 95 2.26 -9.21 -19.36
C ALA A 95 1.68 -7.81 -19.42
N GLU A 96 0.60 -7.59 -18.68
CA GLU A 96 -0.07 -6.29 -18.64
C GLU A 96 0.83 -5.17 -18.12
N VAL A 97 1.68 -5.50 -17.15
CA VAL A 97 2.68 -4.54 -16.68
C VAL A 97 3.68 -4.20 -17.78
N LEU A 98 4.23 -5.24 -18.42
CA LEU A 98 5.25 -5.05 -19.45
C LEU A 98 4.72 -4.32 -20.69
N GLU A 99 3.42 -4.37 -20.90
CA GLU A 99 2.82 -3.70 -22.04
C GLU A 99 2.50 -2.23 -21.72
N ASN A 100 2.77 -1.82 -20.49
CA ASN A 100 2.61 -0.42 -20.12
C ASN A 100 3.71 0.42 -20.76
N GLN A 101 3.31 1.57 -21.29
CA GLN A 101 4.22 2.50 -21.96
C GLN A 101 5.52 2.73 -21.18
N PHE A 102 5.38 2.93 -19.87
CA PHE A 102 6.52 3.30 -19.03
C PHE A 102 7.39 2.10 -18.63
N MET A 103 7.13 0.94 -19.24
CA MET A 103 7.93 -0.24 -18.90
C MET A 103 8.98 -0.61 -19.95
N ARG A 104 9.00 0.10 -21.08
CA ARG A 104 9.95 -0.19 -22.14
C ARG A 104 11.37 -0.19 -21.58
N ASP A 105 12.18 -1.14 -22.06
CA ASP A 105 13.62 -1.16 -21.80
C ASP A 105 14.02 -1.33 -20.33
N LYS A 106 13.04 -1.57 -19.46
CA LYS A 106 13.34 -1.79 -18.04
C LYS A 106 13.37 -3.28 -17.70
N PRO A 107 14.38 -3.68 -16.91
CA PRO A 107 14.59 -5.11 -16.57
C PRO A 107 13.65 -5.63 -15.47
N ILE A 108 13.42 -6.94 -15.47
CA ILE A 108 12.60 -7.59 -14.45
C ILE A 108 13.37 -8.69 -13.73
N CYS A 109 13.39 -8.64 -12.39
CA CYS A 109 13.96 -9.72 -11.62
C CYS A 109 12.85 -10.57 -11.03
N ILE A 110 12.70 -11.78 -11.57
CA ILE A 110 11.66 -12.68 -11.11
C ILE A 110 12.18 -13.58 -9.99
N PHE A 111 11.44 -13.63 -8.89
CA PHE A 111 11.74 -14.55 -7.82
C PHE A 111 10.75 -15.71 -7.81
N ALA A 112 11.26 -16.93 -7.94
CA ALA A 112 10.43 -18.12 -7.82
C ALA A 112 10.43 -18.54 -6.36
N ASN A 113 9.54 -17.92 -5.60
CA ASN A 113 9.57 -17.98 -4.14
C ASN A 113 8.87 -19.24 -3.60
N LYS A 114 9.15 -19.55 -2.33
CA LYS A 114 8.57 -20.67 -1.59
C LYS A 114 9.14 -22.01 -2.06
N GLN A 115 10.44 -22.00 -2.34
CA GLN A 115 11.17 -23.20 -2.75
C GLN A 115 11.24 -24.23 -1.62
N ASP A 116 10.81 -23.85 -0.42
CA ASP A 116 10.80 -24.78 0.71
C ASP A 116 9.67 -25.78 0.56
N LEU A 117 8.58 -25.36 -0.06
CA LEU A 117 7.38 -26.20 -0.20
C LEU A 117 7.57 -27.33 -1.21
N PRO A 118 7.03 -28.52 -0.90
CA PRO A 118 7.15 -29.70 -1.77
C PRO A 118 6.64 -29.45 -3.20
N THR A 119 5.67 -28.55 -3.34
CA THR A 119 5.09 -28.23 -4.64
C THR A 119 5.87 -27.16 -5.41
N ALA A 120 7.00 -26.74 -4.87
CA ALA A 120 7.81 -25.71 -5.52
C ALA A 120 8.21 -26.16 -6.92
N ALA A 121 7.70 -25.47 -7.92
CA ALA A 121 8.10 -25.71 -9.30
C ALA A 121 9.53 -25.25 -9.50
N PRO A 122 10.30 -26.01 -10.31
CA PRO A 122 11.67 -25.60 -10.63
C PRO A 122 11.70 -24.21 -11.29
N ALA A 123 12.85 -23.55 -11.26
CA ALA A 123 12.99 -22.26 -11.92
C ALA A 123 12.75 -22.38 -13.42
N ALA A 124 12.85 -23.62 -13.93
CA ALA A 124 12.63 -23.91 -15.34
C ALA A 124 11.15 -23.80 -15.74
N GLU A 125 10.26 -24.41 -14.96
CA GLU A 125 8.85 -24.43 -15.31
C GLU A 125 8.23 -23.04 -15.17
N VAL A 126 8.81 -22.23 -14.29
CA VAL A 126 8.37 -20.85 -14.12
C VAL A 126 8.59 -20.09 -15.42
N VAL A 127 9.75 -20.33 -16.04
CA VAL A 127 10.10 -19.70 -17.32
C VAL A 127 9.02 -19.88 -18.37
N LYS A 128 8.69 -21.14 -18.64
CA LYS A 128 7.62 -21.48 -19.56
C LYS A 128 6.29 -20.89 -19.10
N GLY A 129 6.01 -21.02 -17.81
CA GLY A 129 4.74 -20.58 -17.25
C GLY A 129 4.47 -19.09 -17.38
N LEU A 130 5.53 -18.30 -17.43
CA LEU A 130 5.37 -16.84 -17.53
C LEU A 130 5.54 -16.36 -18.96
N GLY A 131 5.83 -17.28 -19.88
CA GLY A 131 6.04 -16.94 -21.27
C GLY A 131 7.17 -15.95 -21.46
N LEU A 132 8.32 -16.25 -20.86
CA LEU A 132 9.43 -15.29 -20.79
C LEU A 132 10.25 -15.27 -22.08
N ALA A 133 10.09 -16.29 -22.91
CA ALA A 133 10.85 -16.36 -24.16
C ALA A 133 10.39 -15.27 -25.12
N THR A 134 9.10 -14.97 -25.11
CA THR A 134 8.53 -13.98 -26.02
C THR A 134 8.37 -12.63 -25.34
N CYS A 135 8.76 -12.59 -24.07
CA CYS A 135 8.80 -11.36 -23.29
C CYS A 135 9.63 -10.28 -24.00
N ARG A 136 9.36 -9.01 -23.72
CA ARG A 136 10.08 -7.92 -24.42
C ARG A 136 11.00 -7.16 -23.46
N ASN A 137 11.26 -7.73 -22.30
CA ASN A 137 12.17 -7.10 -21.35
C ASN A 137 13.27 -8.04 -20.92
N SER A 138 14.43 -7.48 -20.60
CA SER A 138 15.51 -8.25 -19.98
C SER A 138 15.02 -8.82 -18.66
N HIS A 139 15.38 -10.07 -18.40
CA HIS A 139 14.89 -10.72 -17.19
C HIS A 139 15.82 -11.81 -16.71
N ASN A 140 15.55 -12.28 -15.50
CA ASN A 140 16.31 -13.34 -14.88
C ASN A 140 15.44 -13.94 -13.79
N VAL A 141 15.68 -15.19 -13.43
CA VAL A 141 14.83 -15.87 -12.47
C VAL A 141 15.66 -16.42 -11.32
N PHE A 142 15.22 -16.16 -10.09
CA PHE A 142 15.94 -16.63 -8.93
C PHE A 142 15.01 -17.42 -8.03
N PRO A 143 15.22 -18.73 -7.94
CA PRO A 143 14.49 -19.49 -6.91
C PRO A 143 14.93 -18.99 -5.55
N CYS A 144 14.01 -18.98 -4.58
CA CYS A 144 14.35 -18.54 -3.24
C CYS A 144 13.34 -19.03 -2.22
N THR A 145 13.73 -18.92 -0.94
CA THR A 145 12.82 -19.14 0.17
C THR A 145 12.83 -17.89 1.03
N ALA A 146 11.80 -17.06 0.89
CA ALA A 146 11.72 -15.80 1.61
C ALA A 146 11.50 -16.03 3.10
N LYS A 147 10.84 -17.13 3.44
CA LYS A 147 10.57 -17.45 4.83
C LYS A 147 11.38 -18.67 5.28
N MET A 148 12.66 -18.44 5.55
CA MET A 148 13.55 -19.45 6.11
C MET A 148 13.06 -19.83 7.51
N PRO A 149 13.40 -21.06 7.98
CA PRO A 149 12.96 -21.47 9.31
C PRO A 149 13.64 -20.67 10.42
N ALA A 150 13.00 -20.61 11.58
CA ALA A 150 13.49 -19.79 12.69
C ALA A 150 14.89 -20.19 13.15
N GLY A 151 15.77 -19.21 13.25
CA GLY A 151 17.15 -19.45 13.70
C GLY A 151 18.11 -19.78 12.57
N GLN A 152 17.69 -19.53 11.33
CA GLN A 152 18.54 -19.76 10.18
C GLN A 152 18.73 -18.50 9.35
N ASP A 153 19.87 -18.44 8.66
CA ASP A 153 20.22 -17.27 7.84
C ASP A 153 19.20 -17.06 6.73
N VAL A 154 19.07 -15.81 6.29
CA VAL A 154 18.18 -15.50 5.17
C VAL A 154 18.72 -16.15 3.92
N ASP A 155 17.86 -16.34 2.92
CA ASP A 155 18.30 -16.91 1.66
C ASP A 155 19.22 -15.92 0.95
N HIS A 156 20.42 -16.36 0.60
CA HIS A 156 21.38 -15.48 -0.05
C HIS A 156 20.94 -15.15 -1.48
N ARG A 157 20.01 -15.93 -2.01
CA ARG A 157 19.56 -15.72 -3.38
C ARG A 157 18.71 -14.46 -3.51
N LEU A 158 18.26 -13.95 -2.35
CA LEU A 158 17.53 -12.69 -2.34
C LEU A 158 18.44 -11.52 -2.75
N ARG A 159 19.64 -11.46 -2.18
CA ARG A 159 20.56 -10.40 -2.54
C ARG A 159 21.21 -10.65 -3.90
N ASP A 160 21.36 -11.92 -4.28
CA ASP A 160 21.86 -12.26 -5.62
C ASP A 160 20.98 -11.64 -6.69
N GLY A 161 19.67 -11.79 -6.51
CA GLY A 161 18.70 -11.25 -7.45
C GLY A 161 18.71 -9.74 -7.48
N LEU A 162 18.75 -9.13 -6.30
CA LEU A 162 18.87 -7.67 -6.21
C LEU A 162 20.12 -7.22 -6.93
N LYS A 163 21.25 -7.88 -6.64
CA LYS A 163 22.52 -7.58 -7.30
C LYS A 163 22.42 -7.61 -8.82
N TRP A 164 21.78 -8.66 -9.37
CA TRP A 164 21.62 -8.75 -10.81
C TRP A 164 20.78 -7.62 -11.38
N LEU A 165 19.66 -7.32 -10.70
CA LEU A 165 18.79 -6.22 -11.11
C LEU A 165 19.54 -4.89 -11.09
N VAL A 166 20.27 -4.63 -10.01
CA VAL A 166 21.07 -3.41 -9.90
C VAL A 166 22.14 -3.35 -11.01
N GLY A 167 22.87 -4.44 -11.18
CA GLY A 167 23.85 -4.55 -12.24
C GLY A 167 23.26 -4.25 -13.61
N THR A 168 22.04 -4.73 -13.85
CA THR A 168 21.39 -4.53 -15.14
C THR A 168 20.93 -3.09 -15.35
N VAL A 169 20.27 -2.51 -14.34
CA VAL A 169 19.93 -1.09 -14.38
C VAL A 169 21.18 -0.27 -14.60
N ASP A 170 22.24 -0.64 -13.88
CA ASP A 170 23.51 0.07 -13.91
C ASP A 170 24.13 0.17 -15.31
N ARG A 171 24.14 -0.95 -16.02
CA ARG A 171 24.75 -1.02 -17.35
C ARG A 171 24.03 -0.10 -18.34
N GLU A 172 22.82 0.33 -17.98
CA GLU A 172 22.01 1.15 -18.88
C GLU A 172 21.58 2.45 -18.22
N PHE A 173 22.20 2.80 -17.10
CA PHE A 173 21.77 3.94 -16.29
C PHE A 173 21.74 5.25 -17.08
N GLY A 174 22.59 5.36 -18.08
CA GLY A 174 22.76 6.57 -18.84
C GLY A 174 21.54 7.10 -19.57
N ARG A 175 20.76 6.22 -20.19
CA ARG A 175 19.59 6.64 -20.96
C ARG A 175 18.31 6.43 -20.18
N LEU A 176 18.37 5.55 -19.18
CA LEU A 176 17.21 5.15 -18.42
C LEU A 176 16.83 6.18 -17.36
N ASP A 177 17.82 6.66 -16.62
CA ASP A 177 17.54 7.58 -15.51
C ASP A 177 17.00 8.94 -15.96
N PRO A 178 17.62 9.58 -16.98
CA PRO A 178 16.99 10.84 -17.42
C PRO A 178 15.58 10.63 -17.94
N ARG A 179 15.36 9.47 -18.55
CA ARG A 179 14.04 9.06 -19.01
C ARG A 179 13.04 8.94 -17.85
N VAL A 180 13.50 8.40 -16.74
CA VAL A 180 12.63 8.18 -15.58
C VAL A 180 12.35 9.50 -14.86
N GLN A 181 13.37 10.33 -14.67
CA GLN A 181 13.19 11.64 -14.04
C GLN A 181 12.17 12.47 -14.82
N THR A 182 12.28 12.41 -16.14
CA THR A 182 11.38 13.14 -17.01
C THR A 182 9.95 12.62 -16.93
N GLU A 183 9.78 11.33 -17.23
CA GLU A 183 8.46 10.73 -17.32
C GLU A 183 7.70 10.71 -15.99
N ALA A 184 8.44 10.63 -14.89
CA ALA A 184 7.83 10.66 -13.56
C ALA A 184 7.29 12.05 -13.28
N GLU A 185 7.99 13.06 -13.78
CA GLU A 185 7.57 14.45 -13.63
C GLU A 185 6.29 14.70 -14.42
N GLU A 186 6.24 14.16 -15.64
CA GLU A 186 5.05 14.32 -16.50
C GLU A 186 3.81 13.77 -15.82
N VAL A 187 3.86 12.51 -15.42
CA VAL A 187 2.74 11.85 -14.76
C VAL A 187 2.33 12.58 -13.47
N ARG A 188 3.33 13.06 -12.74
CA ARG A 188 3.08 13.77 -11.50
C ARG A 188 2.24 15.03 -11.71
N GLN A 189 2.50 15.73 -12.81
CA GLN A 189 1.86 17.03 -13.05
C GLN A 189 0.45 16.92 -13.66
N GLU A 190 0.16 15.83 -14.34
CA GLU A 190 -1.21 15.59 -14.80
C GLU A 190 -2.11 15.14 -13.65
N GLU A 191 -1.59 14.27 -12.80
CA GLU A 191 -2.32 13.84 -11.60
C GLU A 191 -2.64 15.03 -10.70
N ALA A 192 -1.75 16.02 -10.70
CA ALA A 192 -1.96 17.23 -9.92
C ALA A 192 -3.01 18.11 -10.56
N ARG A 193 -3.00 18.20 -11.89
CA ARG A 193 -3.85 19.16 -12.58
C ARG A 193 -5.32 18.72 -12.63
N LYS A 194 -5.57 17.41 -12.75
CA LYS A 194 -6.95 16.93 -12.81
C LYS A 194 -7.46 16.68 -11.40
N LYS A 195 -6.58 16.95 -10.44
CA LYS A 195 -6.96 17.06 -9.04
C LYS A 195 -7.42 18.50 -8.78
N LYS A 196 -6.68 19.45 -9.35
CA LYS A 196 -7.02 20.87 -9.26
C LYS A 196 -8.40 21.14 -9.86
N GLU A 197 -8.68 20.49 -10.98
CA GLU A 197 -9.98 20.58 -11.64
C GLU A 197 -11.06 19.97 -10.76
N ARG A 198 -10.76 18.81 -10.20
CA ARG A 198 -11.66 18.09 -9.33
C ARG A 198 -11.86 18.86 -8.02
N GLU A 199 -10.81 19.55 -7.58
CA GLU A 199 -10.83 20.26 -6.31
C GLU A 199 -11.72 21.49 -6.38
N GLU A 200 -11.42 22.41 -7.29
CA GLU A 200 -12.17 23.66 -7.36
C GLU A 200 -13.34 23.53 -8.36
N ARG A 201 -13.90 22.33 -8.40
CA ARG A 201 -15.15 22.09 -9.08
C ARG A 201 -16.14 21.59 -7.98
N LEU A 202 -15.78 21.84 -6.72
CA LEU A 202 -16.78 21.85 -5.63
C LEU A 202 -16.54 23.04 -4.73
N ARG A 203 -15.92 24.05 -5.32
CA ARG A 203 -16.17 25.45 -5.01
C ARG A 203 -17.66 25.77 -4.86
N LYS A 204 -18.51 24.80 -5.24
CA LYS A 204 -19.85 25.09 -5.74
C LYS A 204 -20.81 25.86 -4.83
N GLN A 205 -20.63 25.78 -3.51
CA GLN A 205 -21.39 26.65 -2.61
C GLN A 205 -22.87 26.32 -2.69
N GLU B 16 1.46 3.49 25.38
CA GLU B 16 0.29 4.27 25.00
C GLU B 16 0.44 4.87 23.61
N ALA B 17 -0.57 4.69 22.78
CA ALA B 17 -0.56 5.24 21.42
C ALA B 17 -1.70 6.24 21.23
N ARG B 18 -1.38 7.41 20.69
CA ARG B 18 -2.38 8.43 20.44
C ARG B 18 -2.92 8.32 19.01
N ILE B 19 -4.12 7.76 18.90
CA ILE B 19 -4.71 7.46 17.60
C ILE B 19 -5.85 8.42 17.23
N LEU B 20 -5.67 9.09 16.10
CA LEU B 20 -6.62 10.07 15.58
C LEU B 20 -7.60 9.39 14.62
N VAL B 21 -8.90 9.65 14.80
CA VAL B 21 -9.91 9.06 13.94
C VAL B 21 -10.82 10.15 13.33
N LEU B 22 -10.68 10.36 12.03
CA LEU B 22 -11.34 11.46 11.35
C LEU B 22 -12.09 10.99 10.11
N GLY B 23 -12.82 11.92 9.49
CA GLY B 23 -13.62 11.61 8.32
C GLY B 23 -14.87 12.46 8.27
N LEU B 24 -15.52 12.51 7.12
CA LEU B 24 -16.75 13.28 6.95
C LEU B 24 -17.80 12.76 7.90
N ASP B 25 -18.72 13.63 8.32
CA ASP B 25 -19.89 13.19 9.07
C ASP B 25 -20.61 12.12 8.27
N ASN B 26 -21.18 11.15 9.00
CA ASN B 26 -21.90 10.01 8.44
C ASN B 26 -21.02 8.91 7.85
N ALA B 27 -19.70 9.11 7.84
CA ALA B 27 -18.79 8.12 7.28
C ALA B 27 -18.79 6.82 8.07
N GLY B 28 -19.07 6.91 9.37
CA GLY B 28 -19.17 5.72 10.21
C GLY B 28 -18.10 5.60 11.26
N LYS B 29 -17.46 6.72 11.60
CA LYS B 29 -16.41 6.76 12.61
C LYS B 29 -16.83 6.09 13.92
N THR B 30 -17.88 6.62 14.55
CA THR B 30 -18.37 6.10 15.83
C THR B 30 -18.80 4.63 15.75
N THR B 31 -19.48 4.25 14.68
CA THR B 31 -19.91 2.87 14.50
C THR B 31 -18.72 1.92 14.47
N ILE B 32 -17.63 2.33 13.82
CA ILE B 32 -16.41 1.53 13.84
C ILE B 32 -15.84 1.45 15.26
N LEU B 33 -15.61 2.63 15.85
CA LEU B 33 -15.07 2.71 17.20
C LEU B 33 -15.85 1.87 18.21
N LYS B 34 -17.17 1.89 18.11
CA LYS B 34 -18.00 1.05 18.96
C LYS B 34 -17.90 -0.43 18.64
N ALA B 35 -17.80 -0.74 17.34
CA ALA B 35 -17.68 -2.14 16.91
C ALA B 35 -16.39 -2.76 17.44
N LEU B 36 -15.29 -2.01 17.36
CA LEU B 36 -14.01 -2.44 17.93
C LEU B 36 -14.07 -2.55 19.45
N SER B 37 -15.03 -1.85 20.06
CA SER B 37 -15.15 -1.82 21.52
C SER B 37 -16.14 -2.86 22.04
N GLU B 38 -16.60 -3.73 21.14
CA GLU B 38 -17.56 -4.77 21.49
C GLU B 38 -18.82 -4.18 22.12
N GLU B 39 -19.32 -3.09 21.53
CA GLU B 39 -20.50 -2.42 22.04
C GLU B 39 -21.65 -2.43 21.03
N ASP B 40 -22.82 -2.01 21.49
CA ASP B 40 -24.02 -2.00 20.64
C ASP B 40 -24.02 -0.80 19.69
N ILE B 41 -24.35 -1.06 18.42
CA ILE B 41 -24.32 -0.01 17.40
C ILE B 41 -25.68 0.24 16.77
N THR B 42 -26.72 -0.37 17.34
CA THR B 42 -28.05 -0.33 16.73
C THR B 42 -28.67 1.08 16.76
N THR B 43 -28.40 1.85 17.81
CA THR B 43 -28.80 3.25 17.84
C THR B 43 -27.58 4.14 18.03
N ILE B 44 -27.20 4.85 16.98
CA ILE B 44 -26.05 5.73 17.06
C ILE B 44 -26.47 7.13 16.63
N THR B 45 -25.85 8.12 17.26
CA THR B 45 -26.18 9.51 17.13
C THR B 45 -25.00 10.24 16.48
N PRO B 46 -25.26 11.27 15.67
CA PRO B 46 -24.14 12.12 15.24
C PRO B 46 -23.39 12.67 16.44
N THR B 47 -22.09 12.90 16.28
CA THR B 47 -21.23 13.16 17.43
C THR B 47 -20.91 14.64 17.61
N GLN B 48 -21.02 15.13 18.85
CA GLN B 48 -20.46 16.44 19.17
C GLN B 48 -19.56 16.32 20.38
N GLY B 49 -18.70 17.31 20.55
CA GLY B 49 -17.73 17.24 21.62
C GLY B 49 -16.67 16.21 21.28
N PHE B 50 -15.87 15.89 22.29
CA PHE B 50 -14.67 15.12 22.07
C PHE B 50 -14.65 14.01 23.10
N ASN B 51 -15.03 12.82 22.65
CA ASN B 51 -15.29 11.71 23.55
C ASN B 51 -14.16 10.71 23.55
N ILE B 52 -13.63 10.43 24.73
CA ILE B 52 -12.45 9.57 24.82
C ILE B 52 -12.82 8.09 24.81
N LYS B 53 -12.12 7.35 23.96
CA LYS B 53 -12.27 5.90 23.89
C LYS B 53 -10.94 5.26 24.25
N SER B 54 -10.98 4.24 25.10
CA SER B 54 -9.76 3.53 25.45
C SER B 54 -9.83 2.09 24.94
N LEU B 55 -8.93 1.77 24.01
CA LEU B 55 -8.81 0.42 23.52
C LEU B 55 -7.50 -0.19 23.99
N SER B 56 -7.57 -1.39 24.56
CA SER B 56 -6.38 -2.15 24.89
C SER B 56 -6.13 -3.15 23.76
N ARG B 57 -4.96 -3.06 23.15
CA ARG B 57 -4.65 -3.88 21.98
C ARG B 57 -3.15 -4.09 21.84
N ASP B 58 -2.72 -5.35 21.95
CA ASP B 58 -1.31 -5.74 21.83
C ASP B 58 -0.41 -5.12 22.90
N GLY B 59 -0.88 -5.11 24.14
CA GLY B 59 -0.07 -4.60 25.25
C GLY B 59 0.11 -3.09 25.20
N PHE B 60 -0.61 -2.46 24.28
CA PHE B 60 -0.66 -1.01 24.19
C PHE B 60 -2.00 -0.53 24.73
N ASN B 61 -2.06 0.73 25.14
CA ASN B 61 -3.33 1.36 25.45
C ASN B 61 -3.60 2.49 24.47
N LEU B 62 -4.62 2.30 23.64
CA LEU B 62 -4.90 3.24 22.56
C LEU B 62 -5.82 4.36 23.04
N LYS B 63 -5.34 5.59 22.94
CA LYS B 63 -6.13 6.73 23.37
C LYS B 63 -6.78 7.40 22.16
N ILE B 64 -8.08 7.17 22.00
CA ILE B 64 -8.82 7.67 20.85
C ILE B 64 -9.84 8.73 21.23
N TRP B 65 -9.85 9.85 20.51
CA TRP B 65 -10.94 10.80 20.60
C TRP B 65 -11.98 10.49 19.53
N ASP B 66 -13.22 10.27 19.95
CA ASP B 66 -14.31 10.15 18.99
C ASP B 66 -14.89 11.54 18.78
N ILE B 67 -14.84 12.01 17.55
CA ILE B 67 -15.16 13.41 17.21
C ILE B 67 -16.16 13.45 16.06
N GLY B 68 -16.98 14.49 16.02
CA GLY B 68 -17.92 14.68 14.92
C GLY B 68 -17.26 15.19 13.66
N GLY B 69 -17.82 14.83 12.52
CA GLY B 69 -17.28 15.23 11.24
C GLY B 69 -18.15 16.19 10.44
N GLN B 70 -19.03 16.91 11.14
CA GLN B 70 -19.84 17.92 10.50
C GLN B 70 -18.95 19.12 10.17
N LYS B 71 -19.35 19.89 9.15
CA LYS B 71 -18.49 20.93 8.61
C LYS B 71 -18.10 21.98 9.66
N SER B 72 -18.99 22.24 10.60
CA SER B 72 -18.73 23.22 11.66
C SER B 72 -17.77 22.68 12.71
N ILE B 73 -17.70 21.35 12.83
CA ILE B 73 -16.81 20.73 13.81
C ILE B 73 -15.38 20.58 13.28
N ARG B 74 -15.25 20.39 11.96
CA ARG B 74 -13.95 20.13 11.34
C ARG B 74 -12.82 21.11 11.70
N PRO B 75 -13.09 22.42 11.78
CA PRO B 75 -12.00 23.31 12.19
C PRO B 75 -11.43 23.00 13.59
N TYR B 76 -12.18 22.25 14.40
CA TYR B 76 -11.72 21.90 15.74
C TYR B 76 -10.88 20.64 15.74
N TRP B 77 -10.78 20.00 14.56
CA TRP B 77 -9.93 18.83 14.40
C TRP B 77 -8.49 19.18 14.73
N ARG B 78 -8.03 20.31 14.20
CA ARG B 78 -6.66 20.78 14.34
C ARG B 78 -6.13 20.76 15.79
N ASN B 79 -7.01 20.87 16.77
CA ASN B 79 -6.60 20.95 18.18
C ASN B 79 -6.22 19.62 18.83
N TYR B 80 -6.34 18.51 18.11
CA TYR B 80 -6.11 17.21 18.71
C TYR B 80 -5.05 16.40 17.97
N PHE B 81 -4.13 17.12 17.34
CA PHE B 81 -3.15 16.51 16.43
C PHE B 81 -1.83 16.06 17.06
N ASP B 82 -1.56 16.49 18.28
CA ASP B 82 -0.20 16.41 18.82
C ASP B 82 0.21 15.01 19.34
N GLN B 83 1.42 14.62 18.95
CA GLN B 83 2.00 13.30 19.27
C GLN B 83 1.09 12.15 18.81
N THR B 84 0.38 12.40 17.72
CA THR B 84 -0.43 11.39 17.04
C THR B 84 0.46 10.29 16.49
N ASP B 85 0.16 9.06 16.86
CA ASP B 85 0.96 7.92 16.43
C ASP B 85 0.42 7.29 15.15
N ALA B 86 -0.86 7.53 14.86
CA ALA B 86 -1.52 6.93 13.70
C ALA B 86 -2.81 7.67 13.35
N LEU B 87 -3.07 7.81 12.05
CA LEU B 87 -4.30 8.45 11.58
C LEU B 87 -5.23 7.46 10.89
N ILE B 88 -6.40 7.23 11.49
CA ILE B 88 -7.43 6.44 10.83
C ILE B 88 -8.42 7.37 10.14
N TYR B 89 -8.64 7.15 8.84
CA TYR B 89 -9.58 7.97 8.09
C TYR B 89 -10.73 7.14 7.53
N VAL B 90 -11.96 7.56 7.83
CA VAL B 90 -13.14 6.79 7.46
C VAL B 90 -13.91 7.40 6.30
N ILE B 91 -14.20 6.58 5.29
CA ILE B 91 -14.95 6.99 4.10
C ILE B 91 -16.25 6.21 3.97
N ASP B 92 -17.33 6.90 3.64
CA ASP B 92 -18.52 6.22 3.15
C ASP B 92 -18.24 5.80 1.71
N SER B 93 -18.05 4.51 1.48
CA SER B 93 -17.68 4.01 0.16
C SER B 93 -18.83 4.13 -0.84
N ALA B 94 -20.07 4.14 -0.33
CA ALA B 94 -21.24 4.08 -1.20
C ALA B 94 -21.90 5.43 -1.43
N ASP B 95 -21.31 6.50 -0.87
CA ASP B 95 -21.89 7.84 -1.01
C ASP B 95 -21.20 8.65 -2.10
N SER B 96 -21.78 8.60 -3.29
CA SER B 96 -21.20 9.14 -4.52
C SER B 96 -20.72 10.60 -4.44
N LYS B 97 -21.67 11.52 -4.26
CA LYS B 97 -21.40 12.95 -4.42
C LYS B 97 -20.42 13.53 -3.40
N ARG B 98 -20.26 12.83 -2.28
CA ARG B 98 -19.45 13.35 -1.18
C ARG B 98 -18.00 12.88 -1.23
N LEU B 99 -17.69 12.01 -2.20
CA LEU B 99 -16.34 11.47 -2.35
C LEU B 99 -15.29 12.55 -2.50
N SER B 100 -15.59 13.55 -3.31
CA SER B 100 -14.64 14.61 -3.58
C SER B 100 -14.44 15.50 -2.35
N GLU B 101 -15.53 15.73 -1.61
CA GLU B 101 -15.45 16.50 -0.36
C GLU B 101 -14.56 15.79 0.65
N SER B 102 -14.65 14.46 0.67
CA SER B 102 -13.83 13.68 1.58
C SER B 102 -12.35 13.82 1.22
N GLU B 103 -12.05 13.77 -0.07
CA GLU B 103 -10.69 13.95 -0.57
C GLU B 103 -10.06 15.26 -0.09
N PHE B 104 -10.79 16.36 -0.27
CA PHE B 104 -10.27 17.68 0.08
C PHE B 104 -9.88 17.75 1.54
N GLU B 105 -10.69 17.14 2.40
CA GLU B 105 -10.46 17.20 3.83
C GLU B 105 -9.26 16.33 4.23
N LEU B 106 -9.13 15.16 3.62
CA LEU B 106 -7.96 14.32 3.86
C LEU B 106 -6.68 14.98 3.35
N THR B 107 -6.77 15.62 2.19
CA THR B 107 -5.64 16.37 1.65
C THR B 107 -5.16 17.42 2.64
N GLU B 108 -6.11 18.19 3.18
CA GLU B 108 -5.81 19.23 4.16
C GLU B 108 -5.10 18.63 5.38
N LEU B 109 -5.50 17.43 5.77
CA LEU B 109 -4.91 16.73 6.90
C LEU B 109 -3.46 16.31 6.66
N LEU B 110 -3.19 15.75 5.49
CA LEU B 110 -1.86 15.22 5.21
C LEU B 110 -0.86 16.36 4.96
N GLN B 111 -1.39 17.55 4.70
CA GLN B 111 -0.56 18.75 4.57
C GLN B 111 -0.21 19.30 5.94
N GLU B 112 -0.86 18.78 6.97
CA GLU B 112 -0.66 19.28 8.32
C GLU B 112 0.70 18.84 8.86
N GLU B 113 1.37 19.74 9.57
CA GLU B 113 2.76 19.51 9.95
C GLU B 113 2.94 18.38 10.97
N LYS B 114 2.02 18.28 11.93
CA LYS B 114 2.14 17.26 12.97
C LYS B 114 1.64 15.90 12.51
N MET B 115 1.30 15.81 11.23
CA MET B 115 0.92 14.53 10.63
C MET B 115 2.10 13.91 9.89
N THR B 116 3.23 14.62 9.91
CA THR B 116 4.43 14.20 9.17
C THR B 116 4.87 12.78 9.54
N GLY B 117 5.01 11.93 8.53
CA GLY B 117 5.47 10.58 8.74
C GLY B 117 4.53 9.71 9.57
N VAL B 118 3.28 10.15 9.72
CA VAL B 118 2.29 9.41 10.49
C VAL B 118 1.55 8.40 9.62
N PRO B 119 1.58 7.12 10.00
CA PRO B 119 0.91 6.05 9.26
C PRO B 119 -0.56 6.36 9.00
N LEU B 120 -1.04 6.04 7.80
CA LEU B 120 -2.43 6.32 7.43
C LEU B 120 -3.21 5.06 7.16
N LEU B 121 -4.28 4.85 7.94
CA LEU B 121 -5.22 3.79 7.64
C LEU B 121 -6.52 4.41 7.15
N VAL B 122 -6.91 4.04 5.94
CA VAL B 122 -8.19 4.46 5.41
C VAL B 122 -9.18 3.31 5.51
N PHE B 123 -10.23 3.48 6.33
CA PHE B 123 -11.31 2.52 6.37
C PHE B 123 -12.32 2.83 5.27
N ALA B 124 -12.33 2.01 4.22
CA ALA B 124 -13.33 2.15 3.17
C ALA B 124 -14.60 1.46 3.65
N ASN B 125 -15.42 2.21 4.37
CA ASN B 125 -16.54 1.65 5.12
C ASN B 125 -17.82 1.50 4.28
N LYS B 126 -18.73 0.67 4.77
CA LYS B 126 -20.04 0.41 4.17
C LYS B 126 -19.93 -0.37 2.87
N GLN B 127 -19.03 -1.36 2.86
CA GLN B 127 -18.87 -2.25 1.72
C GLN B 127 -20.08 -3.16 1.55
N ASP B 128 -20.99 -3.10 2.52
CA ASP B 128 -22.21 -3.90 2.49
C ASP B 128 -23.30 -3.21 1.65
N LEU B 129 -23.07 -1.95 1.30
CA LEU B 129 -24.04 -1.21 0.49
C LEU B 129 -23.81 -1.41 -1.00
N VAL B 130 -24.90 -1.57 -1.74
CA VAL B 130 -24.80 -1.63 -3.19
C VAL B 130 -24.28 -0.29 -3.69
N GLY B 131 -23.30 -0.34 -4.58
CA GLY B 131 -22.66 0.86 -5.11
C GLY B 131 -21.34 1.18 -4.42
N ALA B 132 -20.91 0.29 -3.53
CA ALA B 132 -19.72 0.53 -2.72
C ALA B 132 -18.42 0.35 -3.51
N LEU B 133 -17.68 1.45 -3.65
CA LEU B 133 -16.39 1.44 -4.36
C LEU B 133 -15.42 0.42 -3.79
N ALA B 134 -14.57 -0.12 -4.66
CA ALA B 134 -13.51 -1.04 -4.25
C ALA B 134 -12.29 -0.24 -3.82
N ALA B 135 -11.40 -0.90 -3.08
CA ALA B 135 -10.20 -0.27 -2.53
C ALA B 135 -9.43 0.57 -3.54
N ASP B 136 -9.27 0.03 -4.75
CA ASP B 136 -8.42 0.66 -5.76
C ASP B 136 -9.02 1.91 -6.39
N GLU B 137 -10.34 2.00 -6.45
CA GLU B 137 -10.92 3.22 -7.01
C GLU B 137 -11.00 4.30 -5.94
N ILE B 138 -11.22 3.88 -4.68
CA ILE B 138 -11.16 4.82 -3.57
C ILE B 138 -9.77 5.43 -3.53
N ALA B 139 -8.76 4.59 -3.68
CA ALA B 139 -7.37 5.02 -3.63
C ALA B 139 -7.06 6.07 -4.70
N SER B 140 -7.77 5.98 -5.82
CA SER B 140 -7.56 6.92 -6.92
C SER B 140 -8.35 8.21 -6.76
N THR B 141 -9.62 8.08 -6.39
CA THR B 141 -10.48 9.25 -6.22
C THR B 141 -10.04 10.12 -5.04
N LEU B 142 -9.36 9.51 -4.07
CA LEU B 142 -8.82 10.23 -2.93
C LEU B 142 -7.36 10.65 -3.13
N ASP B 143 -6.82 10.34 -4.32
CA ASP B 143 -5.44 10.68 -4.68
C ASP B 143 -4.43 10.06 -3.72
N LEU B 144 -4.75 8.90 -3.14
CA LEU B 144 -3.82 8.21 -2.25
C LEU B 144 -2.56 7.76 -3.01
N THR B 145 -2.73 7.42 -4.29
CA THR B 145 -1.64 6.89 -5.09
C THR B 145 -0.57 7.94 -5.43
N SER B 146 -0.75 9.16 -4.95
CA SER B 146 0.25 10.20 -5.15
C SER B 146 1.20 10.28 -3.97
N ILE B 147 0.77 9.71 -2.84
CA ILE B 147 1.55 9.76 -1.60
C ILE B 147 2.88 9.02 -1.70
N ARG B 148 3.95 9.65 -1.20
CA ARG B 148 5.26 9.02 -1.11
C ARG B 148 5.89 9.15 0.28
N ASP B 149 5.38 10.07 1.10
CA ASP B 149 6.04 10.40 2.36
C ASP B 149 5.48 9.67 3.59
N ARG B 150 4.48 8.81 3.40
CA ARG B 150 3.94 8.03 4.51
C ARG B 150 3.48 6.66 4.05
N PRO B 151 3.53 5.66 4.95
CA PRO B 151 2.91 4.37 4.63
C PRO B 151 1.40 4.44 4.82
N TRP B 152 0.64 3.77 3.96
CA TRP B 152 -0.82 3.76 4.13
C TRP B 152 -1.49 2.49 3.65
N GLN B 153 -2.53 2.08 4.37
CA GLN B 153 -3.43 1.00 3.95
C GLN B 153 -4.80 1.53 3.65
N ILE B 154 -5.43 1.03 2.60
CA ILE B 154 -6.86 1.18 2.53
C ILE B 154 -7.49 -0.18 2.81
N GLN B 155 -8.30 -0.22 3.87
CA GLN B 155 -8.90 -1.45 4.31
C GLN B 155 -10.40 -1.37 4.12
N ALA B 156 -10.88 -2.04 3.09
CA ALA B 156 -12.32 -2.18 2.86
C ALA B 156 -12.92 -2.81 4.10
N CYS B 157 -14.07 -2.30 4.52
CA CYS B 157 -14.69 -2.79 5.73
C CYS B 157 -16.18 -2.49 5.79
N SER B 158 -16.86 -3.15 6.71
CA SER B 158 -18.25 -2.86 7.00
C SER B 158 -18.43 -2.89 8.50
N ALA B 159 -18.58 -1.72 9.11
CA ALA B 159 -18.76 -1.62 10.54
C ALA B 159 -20.09 -2.25 10.94
N LYS B 160 -21.09 -2.09 10.07
CA LYS B 160 -22.42 -2.67 10.27
C LYS B 160 -22.35 -4.19 10.45
N GLN B 161 -21.42 -4.83 9.75
CA GLN B 161 -21.37 -6.29 9.73
C GLN B 161 -20.10 -6.86 10.39
N GLY B 162 -19.27 -5.98 10.92
CA GLY B 162 -18.07 -6.40 11.62
C GLY B 162 -17.04 -7.14 10.76
N THR B 163 -16.80 -6.60 9.56
CA THR B 163 -15.79 -7.18 8.67
C THR B 163 -14.76 -6.11 8.29
N GLY B 164 -13.49 -6.50 8.29
CA GLY B 164 -12.43 -5.60 7.88
C GLY B 164 -11.76 -4.86 9.02
N LEU B 165 -12.51 -4.63 10.09
CA LEU B 165 -12.04 -3.83 11.22
C LEU B 165 -10.79 -4.39 11.90
N LYS B 166 -10.82 -5.68 12.24
CA LYS B 166 -9.68 -6.30 12.91
C LYS B 166 -8.45 -6.27 12.00
N GLU B 167 -8.68 -6.40 10.70
CA GLU B 167 -7.58 -6.41 9.74
C GLU B 167 -6.96 -5.03 9.61
N GLY B 168 -7.80 -3.99 9.62
CA GLY B 168 -7.32 -2.62 9.59
C GLY B 168 -6.45 -2.31 10.80
N MET B 169 -6.94 -2.66 11.98
CA MET B 169 -6.21 -2.43 13.22
C MET B 169 -4.91 -3.23 13.31
N GLU B 170 -4.94 -4.45 12.76
CA GLU B 170 -3.77 -5.31 12.75
C GLU B 170 -2.60 -4.63 12.03
N TRP B 171 -2.88 -4.03 10.88
CA TRP B 171 -1.86 -3.29 10.14
C TRP B 171 -1.39 -2.08 10.93
N MET B 172 -2.35 -1.37 11.52
CA MET B 172 -2.07 -0.15 12.24
C MET B 172 -1.17 -0.43 13.44
N MET B 173 -1.50 -1.49 14.19
CA MET B 173 -0.72 -1.87 15.36
C MET B 173 0.70 -2.30 15.01
N LYS B 174 0.87 -2.83 13.81
CA LYS B 174 2.20 -3.22 13.34
C LYS B 174 3.04 -1.96 13.17
N GLN B 175 2.47 -0.96 12.52
CA GLN B 175 3.16 0.30 12.25
C GLN B 175 3.48 1.06 13.54
N VAL B 176 2.61 0.91 14.53
CA VAL B 176 2.77 1.58 15.81
C VAL B 176 3.89 0.95 16.62
N LYS B 177 3.87 -0.38 16.70
CA LYS B 177 4.86 -1.11 17.49
C LYS B 177 6.26 -1.11 16.85
N LEU B 178 6.31 -0.83 15.55
CA LEU B 178 7.60 -0.66 14.87
C LEU B 178 8.35 0.54 15.44
N GLU B 179 7.59 1.51 15.95
CA GLU B 179 8.17 2.72 16.52
C GLU B 179 8.10 2.69 18.04
#